data_6NRX
#
_entry.id   6NRX
#
_cell.length_a   88.426
_cell.length_b   67.133
_cell.length_c   61.012
_cell.angle_alpha   90.00
_cell.angle_beta   128.82
_cell.angle_gamma   90.00
#
_symmetry.space_group_name_H-M   'C 1 2 1'
#
loop_
_entity.id
_entity.type
_entity.pdbx_description
1 polymer 'Dpr-interacting protein eta, isoform B'
2 non-polymer 2-acetamido-2-deoxy-beta-D-glucopyranose
3 non-polymer GLYCEROL
4 water water
#
_entity_poly.entity_id   1
_entity_poly.type   'polypeptide(L)'
_entity_poly.pdbx_seq_one_letter_code
;SRIVDPKFSSPIVNMTAPVGRDAFLTCVVQDLGPYKVAWLRVDTQTILTIQNHVITKNQRIGIANSEHKTWTMRIKDIKE
SDKGWYMCQINTDPMKSQMGYLDVVVHHHHHH
;
_entity_poly.pdbx_strand_id   A,B
#
# COMPACT_ATOMS: atom_id res chain seq x y z
N SER A 1 -8.19 16.45 20.35
CA SER A 1 -6.85 16.99 20.40
C SER A 1 -6.02 16.55 19.19
N ARG A 2 -5.25 17.49 18.65
CA ARG A 2 -4.29 17.14 17.62
C ARG A 2 -3.03 16.57 18.24
N ILE A 3 -2.41 15.63 17.51
CA ILE A 3 -1.14 15.05 17.91
C ILE A 3 -0.11 15.37 16.83
N VAL A 4 1.17 15.24 17.20
CA VAL A 4 2.23 15.43 16.22
C VAL A 4 2.18 14.33 15.17
N ASP A 5 2.61 14.67 13.96
CA ASP A 5 2.94 13.64 13.00
C ASP A 5 4.23 12.95 13.43
N PRO A 6 4.40 11.67 13.11
CA PRO A 6 5.72 11.06 13.23
C PRO A 6 6.68 11.73 12.27
N LYS A 7 7.96 11.68 12.61
CA LYS A 7 9.00 12.22 11.75
C LYS A 7 10.10 11.18 11.57
N PHE A 8 10.71 11.19 10.40
CA PHE A 8 11.84 10.32 10.13
C PHE A 8 13.08 10.88 10.81
N SER A 9 13.80 10.03 11.54
CA SER A 9 14.98 10.47 12.28
C SER A 9 16.22 10.56 11.39
N SER A 10 16.22 9.89 10.25
CA SER A 10 17.37 9.79 9.37
C SER A 10 16.91 9.20 8.05
N PRO A 11 17.67 9.39 6.97
CA PRO A 11 17.28 8.78 5.70
C PRO A 11 17.47 7.26 5.76
N ILE A 12 16.78 6.58 4.84
CA ILE A 12 16.96 5.14 4.70
C ILE A 12 18.33 4.86 4.12
N VAL A 13 19.11 4.04 4.80
CA VAL A 13 20.40 3.61 4.28
C VAL A 13 20.16 2.60 3.17
N ASN A 14 20.66 2.89 1.98
CA ASN A 14 20.59 1.96 0.86
C ASN A 14 21.45 0.73 1.15
N MET A 15 21.27 -0.31 0.33
CA MET A 15 22.05 -1.53 0.49
C MET A 15 22.33 -2.16 -0.87
N THR A 16 23.56 -2.63 -1.04
CA THR A 16 23.98 -3.40 -2.21
C THR A 16 24.37 -4.80 -1.75
N ALA A 17 23.88 -5.82 -2.47
CA ALA A 17 24.06 -7.18 -2.03
C ALA A 17 24.15 -8.09 -3.24
N PRO A 18 24.92 -9.18 -3.15
CA PRO A 18 24.95 -10.16 -4.24
C PRO A 18 23.77 -11.13 -4.18
N VAL A 19 23.45 -11.69 -5.35
CA VAL A 19 22.35 -12.63 -5.46
C VAL A 19 22.56 -13.79 -4.50
N GLY A 20 21.53 -14.14 -3.74
CA GLY A 20 21.58 -15.25 -2.83
C GLY A 20 21.82 -14.89 -1.37
N ARG A 21 22.25 -13.67 -1.10
CA ARG A 21 22.37 -13.20 0.26
C ARG A 21 21.07 -12.55 0.72
N ASP A 22 20.94 -12.38 2.03
CA ASP A 22 19.83 -11.62 2.58
C ASP A 22 20.13 -10.13 2.52
N ALA A 23 19.07 -9.33 2.40
CA ALA A 23 19.20 -7.88 2.34
C ALA A 23 18.23 -7.26 3.33
N PHE A 24 18.55 -6.03 3.75
CA PHE A 24 17.77 -5.32 4.74
C PHE A 24 17.67 -3.85 4.35
N LEU A 25 16.52 -3.24 4.63
CA LEU A 25 16.33 -1.80 4.55
C LEU A 25 15.69 -1.33 5.84
N THR A 26 16.18 -0.22 6.38
CA THR A 26 15.78 0.23 7.70
C THR A 26 15.22 1.65 7.64
N CYS A 27 14.05 1.84 8.24
CA CYS A 27 13.38 3.12 8.33
C CYS A 27 13.23 3.48 9.80
N VAL A 28 13.76 4.64 10.20
CA VAL A 28 13.81 5.04 11.60
C VAL A 28 12.84 6.20 11.79
N VAL A 29 11.85 6.00 12.67
CA VAL A 29 10.78 6.97 12.85
C VAL A 29 10.73 7.40 14.32
N GLN A 30 10.44 8.67 14.54
CA GLN A 30 10.26 9.24 15.86
C GLN A 30 8.80 9.61 16.04
N ASP A 31 8.26 9.36 17.24
CA ASP A 31 6.88 9.71 17.58
C ASP A 31 5.87 9.04 16.65
N LEU A 32 6.02 7.74 16.45
CA LEU A 32 5.06 7.03 15.61
C LEU A 32 3.65 7.10 16.18
N GLY A 33 3.54 7.01 17.50
CA GLY A 33 2.26 7.08 18.17
C GLY A 33 1.30 6.00 17.70
N PRO A 34 0.07 6.41 17.36
CA PRO A 34 -0.92 5.45 16.84
C PRO A 34 -0.86 5.23 15.33
N TYR A 35 0.11 5.81 14.64
CA TYR A 35 0.22 5.67 13.19
C TYR A 35 0.92 4.35 12.84
N LYS A 36 0.94 4.05 11.54
CA LYS A 36 1.46 2.79 11.04
C LYS A 36 2.54 3.03 9.99
N VAL A 37 3.55 2.16 10.00
CA VAL A 37 4.62 2.19 9.02
C VAL A 37 4.36 1.08 8.00
N ALA A 38 4.41 1.43 6.72
CA ALA A 38 4.22 0.48 5.63
C ALA A 38 5.42 0.52 4.69
N TRP A 39 5.82 -0.65 4.20
CA TRP A 39 6.84 -0.76 3.17
C TRP A 39 6.19 -1.11 1.84
N LEU A 40 6.60 -0.43 0.78
CA LEU A 40 6.08 -0.69 -0.56
C LEU A 40 7.22 -0.77 -1.56
N ARG A 41 7.05 -1.61 -2.58
CA ARG A 41 7.94 -1.63 -3.73
C ARG A 41 7.49 -0.55 -4.70
N VAL A 42 8.33 0.47 -4.90
CA VAL A 42 7.89 1.67 -5.61
C VAL A 42 7.57 1.38 -7.08
N ASP A 43 8.30 0.45 -7.70
CA ASP A 43 8.10 0.16 -9.13
C ASP A 43 6.62 -0.04 -9.47
N THR A 44 5.93 -0.85 -8.68
CA THR A 44 4.54 -1.20 -8.92
C THR A 44 3.59 -0.71 -7.83
N GLN A 45 4.11 -0.06 -6.79
CA GLN A 45 3.33 0.30 -5.61
C GLN A 45 2.72 -0.96 -4.99
N THR A 46 3.47 -2.06 -5.03
CA THR A 46 3.08 -3.29 -4.35
C THR A 46 3.23 -3.10 -2.85
N ILE A 47 2.13 -3.29 -2.11
CA ILE A 47 2.19 -3.24 -0.65
C ILE A 47 2.96 -4.46 -0.17
N LEU A 48 4.08 -4.21 0.53
CA LEU A 48 4.91 -5.29 1.05
C LEU A 48 4.58 -5.62 2.50
N THR A 49 4.60 -4.63 3.38
CA THR A 49 4.28 -4.81 4.79
C THR A 49 3.47 -3.63 5.30
N ILE A 50 2.73 -3.86 6.37
CA ILE A 50 2.08 -2.79 7.13
C ILE A 50 2.29 -3.08 8.61
N GLN A 51 2.97 -2.17 9.30
CA GLN A 51 3.37 -2.37 10.70
C GLN A 51 4.21 -3.64 10.76
N ASN A 52 3.84 -4.64 11.56
CA ASN A 52 4.61 -5.87 11.68
C ASN A 52 3.97 -7.02 10.92
N HIS A 53 3.12 -6.72 9.94
CA HIS A 53 2.44 -7.73 9.14
C HIS A 53 2.97 -7.71 7.72
N VAL A 54 3.39 -8.88 7.22
CA VAL A 54 3.76 -9.02 5.82
C VAL A 54 2.48 -9.16 5.00
N ILE A 55 2.28 -8.25 4.05
CA ILE A 55 1.08 -8.30 3.21
C ILE A 55 1.30 -9.13 1.96
N THR A 56 2.44 -8.98 1.32
CA THR A 56 2.71 -9.70 0.08
C THR A 56 2.80 -11.21 0.33
N LYS A 57 2.38 -11.98 -0.68
CA LYS A 57 2.50 -13.43 -0.63
C LYS A 57 3.95 -13.89 -0.71
N ASN A 58 4.86 -13.04 -1.17
CA ASN A 58 6.27 -13.40 -1.29
C ASN A 58 6.80 -13.82 0.08
N GLN A 59 7.20 -15.09 0.18
CA GLN A 59 7.65 -15.66 1.45
C GLN A 59 9.06 -15.22 1.82
N ARG A 60 9.77 -14.52 0.95
CA ARG A 60 11.11 -14.02 1.26
C ARG A 60 11.09 -12.66 1.95
N ILE A 61 9.92 -12.07 2.15
CA ILE A 61 9.80 -10.76 2.79
C ILE A 61 9.53 -10.96 4.27
N GLY A 62 10.26 -10.22 5.10
CA GLY A 62 10.01 -10.20 6.52
C GLY A 62 10.06 -8.78 7.04
N ILE A 63 9.50 -8.58 8.22
CA ILE A 63 9.42 -7.26 8.85
C ILE A 63 9.65 -7.40 10.34
N ALA A 64 10.37 -6.45 10.93
CA ALA A 64 10.60 -6.41 12.36
C ALA A 64 10.79 -4.96 12.76
N ASN A 65 10.56 -4.69 14.05
CA ASN A 65 10.80 -3.37 14.61
C ASN A 65 11.26 -3.50 16.05
N SER A 66 11.98 -2.48 16.51
CA SER A 66 12.35 -2.33 17.91
C SER A 66 11.72 -1.03 18.42
N GLU A 67 10.80 -1.16 19.37
CA GLU A 67 10.21 -0.02 20.09
C GLU A 67 9.46 0.93 19.15
N HIS A 68 8.94 0.41 18.03
CA HIS A 68 8.21 1.20 17.05
C HIS A 68 9.03 2.36 16.49
N LYS A 69 10.35 2.31 16.65
CA LYS A 69 11.23 3.35 16.13
C LYS A 69 11.97 2.88 14.87
N THR A 70 12.74 1.81 14.97
CA THR A 70 13.47 1.26 13.84
C THR A 70 12.63 0.18 13.17
N TRP A 71 12.33 0.36 11.89
CA TRP A 71 11.55 -0.59 11.12
C TRP A 71 12.40 -1.18 10.00
N THR A 72 12.62 -2.49 10.04
CA THR A 72 13.56 -3.17 9.17
C THR A 72 12.83 -4.24 8.37
N MET A 73 12.77 -4.06 7.05
CA MET A 73 12.27 -5.08 6.14
C MET A 73 13.42 -5.92 5.64
N ARG A 74 13.29 -7.25 5.74
CA ARG A 74 14.30 -8.16 5.25
C ARG A 74 13.81 -8.86 4.00
N ILE A 75 14.69 -8.98 3.01
CA ILE A 75 14.44 -9.74 1.79
C ILE A 75 15.41 -10.92 1.80
N LYS A 76 14.89 -12.11 2.03
CA LYS A 76 15.72 -13.31 2.13
C LYS A 76 16.03 -13.85 0.73
N ASP A 77 17.24 -14.37 0.56
CA ASP A 77 17.67 -15.05 -0.66
C ASP A 77 17.36 -14.22 -1.91
N ILE A 78 17.96 -13.03 -1.96
CA ILE A 78 17.54 -12.03 -2.94
C ILE A 78 17.87 -12.49 -4.35
N LYS A 79 17.08 -11.99 -5.31
CA LYS A 79 17.27 -12.23 -6.72
C LYS A 79 17.47 -10.90 -7.42
N GLU A 80 17.91 -10.95 -8.68
CA GLU A 80 18.11 -9.72 -9.44
C GLU A 80 16.82 -8.91 -9.55
N SER A 81 15.67 -9.58 -9.63
CA SER A 81 14.39 -8.89 -9.75
C SER A 81 13.97 -8.20 -8.46
N ASP A 82 14.73 -8.35 -7.37
CA ASP A 82 14.49 -7.58 -6.16
C ASP A 82 15.14 -6.20 -6.21
N LYS A 83 15.95 -5.93 -7.23
CA LYS A 83 16.58 -4.63 -7.36
C LYS A 83 15.55 -3.56 -7.64
N GLY A 84 15.62 -2.45 -6.92
CA GLY A 84 14.73 -1.34 -7.18
C GLY A 84 14.56 -0.47 -5.95
N TRP A 85 13.56 0.42 -6.04
CA TRP A 85 13.27 1.42 -5.03
C TRP A 85 12.19 0.93 -4.08
N TYR A 86 12.38 1.18 -2.79
CA TYR A 86 11.44 0.79 -1.75
C TYR A 86 11.07 2.00 -0.90
N MET A 87 9.80 2.11 -0.56
CA MET A 87 9.26 3.26 0.15
C MET A 87 8.86 2.87 1.57
N CYS A 88 9.22 3.72 2.52
CA CYS A 88 8.73 3.63 3.90
C CYS A 88 7.67 4.71 4.08
N GLN A 89 6.42 4.29 4.27
CA GLN A 89 5.28 5.19 4.21
C GLN A 89 4.52 5.19 5.53
N ILE A 90 4.14 6.37 5.99
CA ILE A 90 3.36 6.54 7.22
C ILE A 90 2.00 7.10 6.86
N ASN A 91 0.95 6.55 7.46
CA ASN A 91 -0.43 6.93 7.11
C ASN A 91 -0.87 8.23 7.75
N THR A 92 -0.03 9.26 7.70
CA THR A 92 -0.49 10.60 8.05
C THR A 92 -1.33 11.16 6.90
N ASP A 93 -1.95 12.31 7.14
CA ASP A 93 -2.70 13.02 6.11
C ASP A 93 -2.20 14.46 6.05
N PRO A 94 -1.44 14.84 5.02
CA PRO A 94 -1.06 13.98 3.90
C PRO A 94 0.00 12.94 4.24
N MET A 95 0.04 11.88 3.43
CA MET A 95 0.97 10.78 3.64
C MET A 95 2.42 11.27 3.60
N LYS A 96 3.25 10.69 4.45
CA LYS A 96 4.68 10.97 4.50
C LYS A 96 5.46 9.71 4.14
N SER A 97 6.61 9.89 3.49
CA SER A 97 7.37 8.73 3.05
C SER A 97 8.81 9.09 2.75
N GLN A 98 9.69 8.10 2.90
CA GLN A 98 11.07 8.11 2.45
C GLN A 98 11.29 6.91 1.52
N MET A 99 12.36 6.96 0.74
CA MET A 99 12.68 5.90 -0.20
C MET A 99 14.13 5.46 -0.05
N GLY A 100 14.36 4.17 -0.28
CA GLY A 100 15.71 3.63 -0.36
C GLY A 100 15.83 2.71 -1.54
N TYR A 101 17.06 2.28 -1.82
CA TYR A 101 17.35 1.50 -3.02
C TYR A 101 18.09 0.22 -2.62
N LEU A 102 17.62 -0.91 -3.14
CA LEU A 102 18.35 -2.16 -3.06
C LEU A 102 18.98 -2.45 -4.41
N ASP A 103 20.31 -2.46 -4.46
CA ASP A 103 21.04 -2.83 -5.67
C ASP A 103 21.50 -4.27 -5.51
N VAL A 104 21.17 -5.10 -6.50
CA VAL A 104 21.55 -6.50 -6.52
C VAL A 104 22.58 -6.69 -7.63
N VAL A 105 23.76 -7.15 -7.27
CA VAL A 105 24.86 -7.36 -8.21
C VAL A 105 24.98 -8.85 -8.49
N VAL A 106 25.25 -9.18 -9.75
CA VAL A 106 25.15 -10.56 -10.24
C VAL A 106 26.45 -11.34 -10.07
N SER B 1 0.53 -26.72 -0.84
CA SER B 1 -0.59 -26.76 -1.77
C SER B 1 -0.85 -25.39 -2.40
N ARG B 2 -0.82 -25.36 -3.73
CA ARG B 2 -1.11 -24.13 -4.48
C ARG B 2 -2.62 -23.95 -4.61
N ILE B 3 -3.07 -22.70 -4.47
CA ILE B 3 -4.46 -22.35 -4.73
C ILE B 3 -4.49 -21.39 -5.91
N VAL B 4 -5.67 -21.26 -6.50
CA VAL B 4 -5.83 -20.32 -7.60
C VAL B 4 -5.62 -18.90 -7.10
N ASP B 5 -5.08 -18.06 -7.96
CA ASP B 5 -5.14 -16.64 -7.72
C ASP B 5 -6.58 -16.16 -7.83
N PRO B 6 -6.96 -15.11 -7.11
CA PRO B 6 -8.21 -14.42 -7.44
C PRO B 6 -8.09 -13.80 -8.83
N LYS B 7 -9.25 -13.58 -9.44
CA LYS B 7 -9.31 -12.89 -10.72
C LYS B 7 -10.36 -11.80 -10.65
N PHE B 8 -10.10 -10.71 -11.35
CA PHE B 8 -11.07 -9.62 -11.45
C PHE B 8 -12.21 -10.05 -12.38
N SER B 9 -13.43 -9.87 -11.91
CA SER B 9 -14.59 -10.31 -12.69
C SER B 9 -14.98 -9.30 -13.76
N SER B 10 -14.62 -8.03 -13.57
CA SER B 10 -14.97 -6.96 -14.49
C SER B 10 -14.04 -5.78 -14.23
N PRO B 11 -13.88 -4.88 -15.18
CA PRO B 11 -13.02 -3.70 -14.96
C PRO B 11 -13.60 -2.79 -13.89
N ILE B 12 -12.72 -1.93 -13.37
CA ILE B 12 -13.10 -0.98 -12.33
C ILE B 12 -14.13 0.00 -12.89
N VAL B 13 -15.23 0.19 -12.16
CA VAL B 13 -16.23 1.16 -12.57
C VAL B 13 -15.75 2.55 -12.16
N ASN B 14 -15.53 3.41 -13.16
CA ASN B 14 -15.08 4.77 -12.93
C ASN B 14 -16.28 5.65 -12.53
N MET B 15 -15.96 6.82 -11.97
CA MET B 15 -17.01 7.72 -11.49
C MET B 15 -16.67 9.16 -11.81
N THR B 16 -17.69 9.91 -12.22
CA THR B 16 -17.63 11.35 -12.38
C THR B 16 -18.66 11.98 -11.45
N ALA B 17 -18.22 12.95 -10.64
CA ALA B 17 -19.08 13.45 -9.58
C ALA B 17 -18.77 14.91 -9.23
N PRO B 18 -19.79 15.70 -8.90
CA PRO B 18 -19.55 17.10 -8.52
C PRO B 18 -19.01 17.22 -7.11
N VAL B 19 -18.28 18.31 -6.88
CA VAL B 19 -17.70 18.61 -5.57
C VAL B 19 -18.78 18.55 -4.49
N GLY B 20 -18.43 17.95 -3.36
CA GLY B 20 -19.33 17.88 -2.23
C GLY B 20 -20.26 16.69 -2.22
N ARG B 21 -20.46 16.04 -3.36
CA ARG B 21 -21.18 14.78 -3.37
C ARG B 21 -20.24 13.65 -2.96
N ASP B 22 -20.81 12.51 -2.60
CA ASP B 22 -20.01 11.34 -2.30
C ASP B 22 -19.68 10.57 -3.57
N ALA B 23 -18.49 9.98 -3.60
CA ALA B 23 -18.02 9.21 -4.74
C ALA B 23 -17.75 7.78 -4.33
N PHE B 24 -17.91 6.86 -5.29
CA PHE B 24 -17.68 5.44 -5.05
C PHE B 24 -16.84 4.87 -6.18
N LEU B 25 -15.93 3.97 -5.84
CA LEU B 25 -15.20 3.17 -6.81
C LEU B 25 -15.30 1.71 -6.39
N THR B 26 -15.59 0.84 -7.35
CA THR B 26 -15.90 -0.55 -7.03
C THR B 26 -15.02 -1.50 -7.82
N CYS B 27 -14.50 -2.50 -7.12
CA CYS B 27 -13.65 -3.56 -7.66
C CYS B 27 -14.33 -4.89 -7.40
N VAL B 28 -14.43 -5.72 -8.44
CA VAL B 28 -15.16 -6.98 -8.37
C VAL B 28 -14.17 -8.12 -8.53
N VAL B 29 -14.03 -8.95 -7.49
CA VAL B 29 -13.00 -9.98 -7.42
C VAL B 29 -13.68 -11.33 -7.29
N GLN B 30 -13.19 -12.31 -8.04
CA GLN B 30 -13.67 -13.69 -7.96
C GLN B 30 -12.58 -14.55 -7.34
N ASP B 31 -12.99 -15.43 -6.41
CA ASP B 31 -12.08 -16.37 -5.74
C ASP B 31 -11.02 -15.64 -4.93
N LEU B 32 -11.44 -14.67 -4.12
CA LEU B 32 -10.49 -13.94 -3.27
C LEU B 32 -9.77 -14.90 -2.34
N GLY B 33 -10.51 -15.77 -1.67
CA GLY B 33 -9.95 -16.73 -0.76
C GLY B 33 -9.27 -16.09 0.43
N PRO B 34 -8.04 -16.51 0.71
CA PRO B 34 -7.27 -15.92 1.82
C PRO B 34 -6.56 -14.63 1.46
N TYR B 35 -6.63 -14.19 0.20
CA TYR B 35 -5.95 -12.97 -0.21
C TYR B 35 -6.75 -11.74 0.24
N LYS B 36 -6.13 -10.57 0.07
CA LYS B 36 -6.70 -9.32 0.53
C LYS B 36 -6.77 -8.32 -0.61
N VAL B 37 -7.78 -7.45 -0.55
CA VAL B 37 -7.99 -6.39 -1.52
C VAL B 37 -7.60 -5.06 -0.88
N ALA B 38 -6.75 -4.31 -1.57
CA ALA B 38 -6.28 -3.01 -1.08
C ALA B 38 -6.56 -1.92 -2.12
N TRP B 39 -7.01 -0.77 -1.64
CA TRP B 39 -7.17 0.41 -2.48
C TRP B 39 -6.01 1.36 -2.23
N LEU B 40 -5.46 1.91 -3.32
CA LEU B 40 -4.38 2.87 -3.24
C LEU B 40 -4.67 4.01 -4.22
N ARG B 41 -4.22 5.21 -3.86
CA ARG B 41 -4.23 6.33 -4.79
C ARG B 41 -2.91 6.36 -5.53
N VAL B 42 -2.98 6.38 -6.86
CA VAL B 42 -1.77 6.18 -7.66
C VAL B 42 -0.98 7.48 -7.80
N ASP B 43 -1.66 8.61 -7.99
CA ASP B 43 -0.97 9.89 -8.05
C ASP B 43 -0.16 10.12 -6.78
N THR B 44 -0.83 10.11 -5.63
CA THR B 44 -0.21 10.41 -4.36
C THR B 44 0.56 9.24 -3.77
N GLN B 45 0.55 8.07 -4.41
CA GLN B 45 1.30 6.89 -3.96
C GLN B 45 0.90 6.47 -2.54
N THR B 46 -0.40 6.56 -2.24
CA THR B 46 -0.89 6.46 -0.87
C THR B 46 -1.77 5.23 -0.69
N ILE B 47 -1.47 4.45 0.36
CA ILE B 47 -2.33 3.35 0.75
C ILE B 47 -3.59 3.91 1.38
N LEU B 48 -4.75 3.50 0.86
CA LEU B 48 -6.04 3.98 1.35
C LEU B 48 -6.70 2.97 2.27
N THR B 49 -6.94 1.74 1.78
CA THR B 49 -7.57 0.70 2.57
C THR B 49 -6.87 -0.63 2.31
N ILE B 50 -7.04 -1.56 3.26
CA ILE B 50 -6.68 -2.96 3.06
C ILE B 50 -7.78 -3.81 3.69
N GLN B 51 -8.40 -4.66 2.88
CA GLN B 51 -9.58 -5.44 3.28
C GLN B 51 -10.63 -4.45 3.79
N ASN B 52 -11.20 -4.65 4.98
CA ASN B 52 -12.20 -3.74 5.54
C ASN B 52 -11.60 -2.74 6.52
N HIS B 53 -10.30 -2.48 6.42
CA HIS B 53 -9.62 -1.50 7.25
C HIS B 53 -9.28 -0.27 6.42
N VAL B 54 -9.68 0.90 6.89
CA VAL B 54 -9.19 2.16 6.34
C VAL B 54 -7.82 2.41 6.93
N ILE B 55 -6.80 2.53 6.07
CA ILE B 55 -5.44 2.78 6.55
C ILE B 55 -5.17 4.27 6.67
N THR B 56 -5.56 5.04 5.65
CA THR B 56 -5.29 6.47 5.64
C THR B 56 -5.98 7.16 6.82
N LYS B 57 -5.36 8.25 7.27
CA LYS B 57 -5.96 9.06 8.33
C LYS B 57 -7.15 9.87 7.82
N ASN B 58 -7.26 10.04 6.51
CA ASN B 58 -8.38 10.79 5.94
C ASN B 58 -9.70 10.18 6.40
N GLN B 59 -10.50 10.99 7.12
CA GLN B 59 -11.76 10.52 7.66
C GLN B 59 -12.87 10.40 6.62
N ARG B 60 -12.62 10.85 5.38
CA ARG B 60 -13.64 10.78 4.34
C ARG B 60 -13.59 9.48 3.54
N ILE B 61 -12.61 8.61 3.80
CA ILE B 61 -12.50 7.34 3.11
C ILE B 61 -13.24 6.27 3.90
N GLY B 62 -14.06 5.48 3.19
CA GLY B 62 -14.67 4.31 3.77
C GLY B 62 -14.53 3.13 2.82
N ILE B 63 -14.77 1.93 3.35
CA ILE B 63 -14.62 0.71 2.58
C ILE B 63 -15.69 -0.27 3.03
N ALA B 64 -16.24 -1.02 2.07
CA ALA B 64 -17.24 -2.04 2.35
C ALA B 64 -17.18 -3.10 1.25
N ASN B 65 -17.67 -4.29 1.59
CA ASN B 65 -17.73 -5.38 0.64
C ASN B 65 -18.98 -6.22 0.89
N SER B 66 -19.35 -7.00 -0.12
CA SER B 66 -20.39 -8.00 -0.01
C SER B 66 -19.86 -9.30 -0.60
N GLU B 67 -19.85 -10.36 0.20
CA GLU B 67 -19.41 -11.70 -0.21
C GLU B 67 -17.94 -11.76 -0.63
N HIS B 68 -17.13 -10.79 -0.21
CA HIS B 68 -15.71 -10.71 -0.55
C HIS B 68 -15.48 -10.63 -2.07
N LYS B 69 -16.49 -10.28 -2.84
CA LYS B 69 -16.35 -10.13 -4.29
C LYS B 69 -16.46 -8.68 -4.75
N THR B 70 -17.49 -7.98 -4.32
CA THR B 70 -17.63 -6.56 -4.65
C THR B 70 -17.03 -5.72 -3.54
N TRP B 71 -15.94 -5.00 -3.85
CA TRP B 71 -15.27 -4.13 -2.90
C TRP B 71 -15.45 -2.68 -3.35
N THR B 72 -16.15 -1.88 -2.55
CA THR B 72 -16.51 -0.52 -2.91
C THR B 72 -15.89 0.44 -1.90
N MET B 73 -15.04 1.34 -2.39
CA MET B 73 -14.49 2.41 -1.57
C MET B 73 -15.35 3.65 -1.72
N ARG B 74 -15.65 4.29 -0.58
CA ARG B 74 -16.41 5.52 -0.55
C ARG B 74 -15.49 6.69 -0.23
N ILE B 75 -15.56 7.74 -1.03
CA ILE B 75 -14.89 9.00 -0.74
C ILE B 75 -15.99 10.01 -0.40
N LYS B 76 -16.09 10.36 0.88
CA LYS B 76 -17.15 11.25 1.34
C LYS B 76 -16.83 12.70 1.03
N ASP B 77 -17.85 13.44 0.61
CA ASP B 77 -17.80 14.89 0.43
C ASP B 77 -16.57 15.30 -0.39
N ILE B 78 -16.56 14.88 -1.65
CA ILE B 78 -15.35 14.94 -2.45
C ILE B 78 -14.95 16.38 -2.71
N LYS B 79 -13.64 16.64 -2.67
CA LYS B 79 -13.07 17.91 -3.08
C LYS B 79 -12.40 17.74 -4.45
N GLU B 80 -12.00 18.87 -5.04
CA GLU B 80 -11.35 18.82 -6.34
C GLU B 80 -10.04 18.05 -6.31
N SER B 81 -9.35 18.05 -5.16
CA SER B 81 -8.09 17.34 -5.03
C SER B 81 -8.25 15.82 -4.96
N ASP B 82 -9.47 15.31 -4.82
CA ASP B 82 -9.68 13.86 -4.84
C ASP B 82 -9.61 13.28 -6.25
N LYS B 83 -9.65 14.13 -7.27
CA LYS B 83 -9.57 13.66 -8.65
C LYS B 83 -8.22 13.00 -8.91
N GLY B 84 -8.27 11.79 -9.45
CA GLY B 84 -7.05 11.08 -9.75
C GLY B 84 -7.32 9.61 -10.03
N TRP B 85 -6.22 8.85 -10.07
CA TRP B 85 -6.26 7.43 -10.38
C TRP B 85 -6.19 6.60 -9.10
N TYR B 86 -7.01 5.56 -9.03
CA TYR B 86 -7.09 4.69 -7.86
C TYR B 86 -6.92 3.24 -8.29
N MET B 87 -6.15 2.49 -7.50
CA MET B 87 -5.80 1.11 -7.81
C MET B 87 -6.46 0.15 -6.84
N CYS B 88 -7.00 -0.94 -7.37
CA CYS B 88 -7.49 -2.07 -6.59
C CYS B 88 -6.48 -3.20 -6.73
N GLN B 89 -5.78 -3.53 -5.65
CA GLN B 89 -4.62 -4.40 -5.70
C GLN B 89 -4.84 -5.63 -4.84
N ILE B 90 -4.46 -6.79 -5.37
CA ILE B 90 -4.54 -8.06 -4.63
C ILE B 90 -3.12 -8.53 -4.32
N ASN B 91 -2.90 -8.99 -3.09
CA ASN B 91 -1.56 -9.39 -2.65
C ASN B 91 -1.14 -10.77 -3.14
N THR B 92 -1.44 -11.11 -4.39
CA THR B 92 -0.85 -12.29 -5.02
C THR B 92 0.64 -12.06 -5.27
N ASP B 93 1.31 -13.13 -5.68
CA ASP B 93 2.72 -13.04 -6.12
C ASP B 93 2.81 -13.67 -7.49
N PRO B 94 3.02 -12.89 -8.57
CA PRO B 94 3.19 -11.43 -8.52
C PRO B 94 1.90 -10.69 -8.23
N MET B 95 2.04 -9.44 -7.80
CA MET B 95 0.87 -8.62 -7.50
C MET B 95 0.03 -8.40 -8.74
N LYS B 96 -1.29 -8.44 -8.58
CA LYS B 96 -2.21 -8.11 -9.64
C LYS B 96 -3.15 -7.00 -9.18
N SER B 97 -3.55 -6.17 -10.14
CA SER B 97 -4.28 -4.95 -9.83
C SER B 97 -5.02 -4.49 -11.08
N GLN B 98 -5.95 -3.56 -10.88
CA GLN B 98 -6.51 -2.77 -11.97
C GLN B 98 -6.75 -1.35 -11.45
N MET B 99 -6.81 -0.42 -12.39
CA MET B 99 -6.90 1.00 -12.07
C MET B 99 -8.17 1.60 -12.64
N GLY B 100 -8.76 2.52 -11.88
CA GLY B 100 -9.87 3.32 -12.33
C GLY B 100 -9.61 4.78 -12.03
N TYR B 101 -10.59 5.65 -12.27
CA TYR B 101 -10.41 7.06 -11.99
C TYR B 101 -11.68 7.63 -11.36
N LEU B 102 -11.48 8.62 -10.50
CA LEU B 102 -12.54 9.50 -10.04
C LEU B 102 -12.32 10.87 -10.66
N ASP B 103 -13.31 11.33 -11.42
CA ASP B 103 -13.29 12.66 -12.02
C ASP B 103 -14.20 13.57 -11.21
N VAL B 104 -13.65 14.68 -10.74
CA VAL B 104 -14.39 15.64 -9.93
C VAL B 104 -14.63 16.87 -10.79
N VAL B 105 -15.87 17.02 -11.26
CA VAL B 105 -16.21 18.11 -12.17
C VAL B 105 -16.42 19.40 -11.38
N VAL B 106 -15.91 20.50 -11.93
CA VAL B 106 -16.04 21.80 -11.30
C VAL B 106 -16.91 22.71 -12.16
#